data_6D2S
#
_entry.id   6D2S
#
_cell.length_a   74.999
_cell.length_b   81.724
_cell.length_c   95.365
_cell.angle_alpha   90.000
_cell.angle_beta   90.000
_cell.angle_gamma   90.000
#
_symmetry.space_group_name_H-M   'I 2 2 2'
#
loop_
_entity.id
_entity.type
_entity.pdbx_description
1 polymer 'HTH-type transcriptional regulator PrpR'
2 non-polymer 'CALCIUM ION'
3 non-polymer 'CHLORIDE ION'
4 non-polymer 'SODIUM ION'
5 non-polymer 1,2-ETHANEDIOL
6 water water
#
_entity_poly.entity_id   1
_entity_poly.type   'polypeptide(L)'
_entity_poly.pdbx_seq_one_letter_code
;SNAFEEVRDFFYDRNNYIHDLDMAAERMFTESGMRTGGLDIQLAELMRDRFGISVVIDDNLPDTAKRRYHPDTKVLRVAH
WLMPGQRAFQIATQLALVGQSDLISSIVATDDQLSTEARGVARIGLANYFAGAFLLPYREFHRAAEQLRYDIDLLGRRFG
VGFETVCHRLSTLQRPRQRGIPFIFVRTDKAGNISKRQSATAFHFSRVGGSCPLWVVHDAFAQPERIVRQVAQMPDGRSY
FWVAKTTAADGLGYLGPHKNFAVGLGCDLAHAHKLVYSTGVVLDDPSTE
;
_entity_poly.pdbx_strand_id   A
#
# COMPACT_ATOMS: atom_id res chain seq x y z
N ASN A 2 17.97 0.53 14.39
CA ASN A 2 17.15 -0.08 13.34
C ASN A 2 16.34 0.98 12.60
N ALA A 3 16.74 1.27 11.36
CA ALA A 3 16.07 2.31 10.58
C ALA A 3 14.60 1.95 10.33
N PHE A 4 14.31 0.68 10.10
CA PHE A 4 12.92 0.33 9.80
C PHE A 4 12.03 0.51 11.02
N GLU A 5 12.57 0.26 12.20
CA GLU A 5 11.84 0.52 13.44
C GLU A 5 11.59 2.01 13.64
N GLU A 6 12.58 2.86 13.36
CA GLU A 6 12.35 4.30 13.45
C GLU A 6 11.24 4.73 12.51
N VAL A 7 11.21 4.17 11.28
CA VAL A 7 10.20 4.59 10.35
C VAL A 7 8.83 4.03 10.74
N ARG A 8 8.81 2.84 11.34
CA ARG A 8 7.54 2.32 11.84
C ARG A 8 6.92 3.26 12.87
N ASP A 9 7.75 3.77 13.80
CA ASP A 9 7.25 4.75 14.77
C ASP A 9 6.79 6.03 14.07
N PHE A 10 7.52 6.45 13.04
CA PHE A 10 7.14 7.65 12.29
C PHE A 10 5.71 7.54 11.77
N PHE A 11 5.38 6.41 11.15
CA PHE A 11 4.02 6.25 10.65
C PHE A 11 3.04 6.03 11.79
N TYR A 12 3.44 5.30 12.84
CA TYR A 12 2.55 5.07 13.98
C TYR A 12 2.10 6.38 14.60
N ASP A 13 3.05 7.28 14.83
CA ASP A 13 2.76 8.58 15.44
C ASP A 13 1.82 9.41 14.60
N ARG A 14 1.72 9.11 13.31
CA ARG A 14 0.85 9.85 12.42
C ARG A 14 -0.42 9.07 12.07
N ASN A 15 -0.74 8.03 12.86
CA ASN A 15 -1.93 7.19 12.64
C ASN A 15 -1.93 6.52 11.27
N ASN A 16 -0.73 6.26 10.73
N ASN A 16 -0.72 6.26 10.73
CA ASN A 16 -0.56 5.62 9.42
CA ASN A 16 -0.58 5.61 9.42
C ASN A 16 -1.28 6.38 8.31
C ASN A 16 -1.29 6.38 8.32
N TYR A 17 -1.40 7.69 8.47
CA TYR A 17 -2.10 8.54 7.50
C TYR A 17 -1.32 9.85 7.39
N ILE A 18 -0.90 10.20 6.17
CA ILE A 18 -0.04 11.36 5.92
C ILE A 18 -0.87 12.37 5.15
N HIS A 19 -1.47 13.33 5.86
CA HIS A 19 -2.55 14.13 5.27
C HIS A 19 -2.09 14.91 4.04
N ASP A 20 -0.96 15.62 4.15
CA ASP A 20 -0.58 16.48 3.04
C ASP A 20 -0.27 15.69 1.78
N LEU A 21 0.35 14.51 1.92
CA LEU A 21 0.62 13.68 0.75
C LEU A 21 -0.63 13.02 0.22
N ASP A 22 -1.48 12.54 1.14
CA ASP A 22 -2.73 11.92 0.73
C ASP A 22 -3.59 12.91 -0.05
N MET A 23 -3.71 14.14 0.45
CA MET A 23 -4.49 15.17 -0.24
C MET A 23 -3.82 15.60 -1.54
N ALA A 24 -2.48 15.68 -1.56
CA ALA A 24 -1.82 16.06 -2.81
C ALA A 24 -2.07 15.03 -3.90
N ALA A 25 -2.02 13.75 -3.56
CA ALA A 25 -2.30 12.70 -4.54
C ALA A 25 -3.73 12.80 -5.05
N GLU A 26 -4.69 12.95 -4.12
CA GLU A 26 -6.08 12.99 -4.52
C GLU A 26 -6.38 14.22 -5.38
N ARG A 27 -5.80 15.36 -5.00
CA ARG A 27 -6.03 16.58 -5.80
C ARG A 27 -5.38 16.45 -7.17
N MET A 28 -4.19 15.86 -7.24
CA MET A 28 -3.55 15.72 -8.54
C MET A 28 -4.33 14.75 -9.42
N PHE A 29 -4.80 13.64 -8.85
CA PHE A 29 -5.65 12.70 -9.57
C PHE A 29 -6.88 13.41 -10.14
N THR A 30 -7.56 14.20 -9.31
CA THR A 30 -8.81 14.85 -9.71
C THR A 30 -8.57 15.99 -10.69
N GLU A 31 -7.59 16.86 -10.39
CA GLU A 31 -7.35 18.02 -11.23
C GLU A 31 -6.80 17.64 -12.60
N SER A 32 -6.15 16.50 -12.72
CA SER A 32 -5.64 16.06 -14.02
C SER A 32 -6.66 15.22 -14.78
N GLY A 33 -7.87 15.05 -14.23
CA GLY A 33 -8.90 14.33 -14.95
C GLY A 33 -8.69 12.83 -15.04
N MET A 34 -7.95 12.25 -14.10
CA MET A 34 -7.74 10.81 -14.07
C MET A 34 -9.05 10.07 -13.84
N ARG A 35 -9.10 8.84 -14.30
CA ARG A 35 -10.20 7.94 -14.00
C ARG A 35 -9.64 6.57 -13.70
N THR A 36 -10.25 5.88 -12.73
CA THR A 36 -9.81 4.54 -12.38
C THR A 36 -9.83 3.64 -13.61
N GLY A 37 -8.81 2.79 -13.74
CA GLY A 37 -8.70 1.94 -14.90
C GLY A 37 -7.71 2.46 -15.94
N GLY A 38 -6.66 1.69 -16.19
CA GLY A 38 -5.65 2.14 -17.13
C GLY A 38 -4.87 3.33 -16.64
N LEU A 39 -4.63 3.42 -15.33
CA LEU A 39 -3.90 4.57 -14.79
C LEU A 39 -2.45 4.59 -15.24
N ASP A 40 -1.90 3.45 -15.67
CA ASP A 40 -0.51 3.45 -16.11
C ASP A 40 -0.33 4.35 -17.33
N ILE A 41 -1.25 4.29 -18.29
CA ILE A 41 -1.16 5.15 -19.47
C ILE A 41 -1.43 6.61 -19.08
N GLN A 42 -2.42 6.84 -18.21
CA GLN A 42 -2.75 8.20 -17.82
C GLN A 42 -1.62 8.85 -17.04
N LEU A 43 -0.97 8.10 -16.15
CA LEU A 43 0.17 8.63 -15.41
C LEU A 43 1.33 8.92 -16.35
N ALA A 44 1.55 8.08 -17.36
CA ALA A 44 2.62 8.36 -18.32
C ALA A 44 2.38 9.70 -19.02
N GLU A 45 1.13 9.99 -19.36
CA GLU A 45 0.78 11.27 -19.97
C GLU A 45 1.03 12.42 -19.00
N LEU A 46 0.59 12.27 -17.74
CA LEU A 46 0.85 13.31 -16.74
C LEU A 46 2.35 13.55 -16.57
N MET A 47 3.14 12.48 -16.49
CA MET A 47 4.58 12.64 -16.30
C MET A 47 5.21 13.42 -17.44
N ARG A 48 4.79 13.13 -18.68
CA ARG A 48 5.28 13.87 -19.84
C ARG A 48 4.82 15.32 -19.81
N ASP A 49 3.54 15.55 -19.56
CA ASP A 49 2.96 16.89 -19.65
C ASP A 49 3.49 17.81 -18.56
N ARG A 50 3.60 17.31 -17.34
CA ARG A 50 3.92 18.13 -16.19
C ARG A 50 5.41 18.23 -15.90
N PHE A 51 6.18 17.16 -16.16
CA PHE A 51 7.61 17.14 -15.85
C PHE A 51 8.51 16.89 -17.03
N GLY A 52 7.96 16.60 -18.21
CA GLY A 52 8.83 16.25 -19.30
C GLY A 52 9.52 14.92 -19.11
N ILE A 53 9.00 14.07 -18.24
CA ILE A 53 9.57 12.74 -18.04
C ILE A 53 8.86 11.76 -18.96
N SER A 54 9.63 11.01 -19.73
CA SER A 54 9.09 10.00 -20.64
C SER A 54 9.10 8.64 -19.92
N VAL A 55 7.95 8.02 -19.82
CA VAL A 55 7.83 6.68 -19.24
C VAL A 55 7.89 5.68 -20.36
N VAL A 56 8.74 4.66 -20.21
CA VAL A 56 8.88 3.60 -21.20
CA VAL A 56 8.88 3.60 -21.20
C VAL A 56 8.84 2.26 -20.48
N ILE A 57 8.12 1.32 -21.05
CA ILE A 57 8.06 -0.04 -20.50
C ILE A 57 9.25 -0.81 -21.06
N ASP A 58 9.98 -1.51 -20.21
CA ASP A 58 11.24 -2.09 -20.67
C ASP A 58 11.52 -3.42 -19.99
N ASP A 59 12.29 -4.25 -20.67
N ASP A 59 12.38 -4.24 -20.64
CA ASP A 59 12.85 -5.44 -20.06
CA ASP A 59 12.58 -5.63 -20.27
C ASP A 59 14.31 -5.20 -19.74
C ASP A 59 13.98 -5.99 -19.77
N ASN A 60 14.94 -6.21 -19.14
N ASN A 60 14.96 -5.08 -19.85
CA ASN A 60 16.36 -6.19 -18.73
CA ASN A 60 16.32 -5.43 -19.44
C ASN A 60 16.72 -4.94 -17.91
C ASN A 60 16.78 -4.55 -18.28
N LEU A 61 15.81 -4.54 -17.04
N LEU A 61 15.92 -4.40 -17.27
CA LEU A 61 16.18 -3.54 -16.04
CA LEU A 61 16.26 -3.54 -16.14
C LEU A 61 17.26 -4.11 -15.12
C LEU A 61 17.37 -4.15 -15.30
N PRO A 62 18.31 -3.34 -14.82
CA PRO A 62 19.37 -3.86 -13.95
C PRO A 62 18.79 -4.44 -12.66
N ASP A 63 19.27 -5.64 -12.31
CA ASP A 63 18.93 -6.28 -11.04
C ASP A 63 17.44 -6.59 -10.91
N THR A 64 16.77 -6.82 -12.04
CA THR A 64 15.34 -7.12 -12.07
C THR A 64 14.55 -6.13 -11.22
N ALA A 65 15.01 -4.89 -11.16
CA ALA A 65 14.25 -3.85 -10.48
C ALA A 65 12.89 -3.67 -11.16
N LYS A 66 11.96 -3.03 -10.43
CA LYS A 66 10.68 -2.70 -11.05
C LYS A 66 10.72 -1.38 -11.82
N ARG A 67 11.73 -0.55 -11.58
CA ARG A 67 11.87 0.70 -12.32
C ARG A 67 13.33 1.14 -12.25
N ARG A 68 13.69 2.01 -13.19
N ARG A 68 13.70 2.00 -13.20
CA ARG A 68 14.98 2.69 -13.18
CA ARG A 68 14.98 2.70 -13.16
C ARG A 68 14.78 4.06 -13.77
C ARG A 68 14.77 4.07 -13.75
N TYR A 69 15.08 5.10 -12.98
CA TYR A 69 14.96 6.47 -13.46
C TYR A 69 16.31 6.91 -14.03
N HIS A 70 16.26 7.53 -15.22
CA HIS A 70 17.41 8.07 -15.91
C HIS A 70 17.35 9.58 -15.83
N PRO A 71 17.90 10.20 -14.78
CA PRO A 71 17.67 11.64 -14.57
C PRO A 71 18.31 12.52 -15.61
N ASP A 72 19.34 12.06 -16.31
CA ASP A 72 20.06 12.93 -17.22
C ASP A 72 19.29 13.18 -18.51
N THR A 73 18.39 12.29 -18.89
CA THR A 73 17.52 12.51 -20.04
C THR A 73 16.04 12.42 -19.65
N LYS A 74 15.74 12.31 -18.36
CA LYS A 74 14.37 12.33 -17.83
C LYS A 74 13.52 11.21 -18.44
N VAL A 75 14.03 9.99 -18.32
CA VAL A 75 13.32 8.80 -18.77
C VAL A 75 13.11 7.89 -17.58
N LEU A 76 11.88 7.39 -17.41
CA LEU A 76 11.60 6.40 -16.37
C LEU A 76 11.29 5.08 -17.06
N ARG A 77 12.15 4.09 -16.86
CA ARG A 77 11.89 2.74 -17.36
C ARG A 77 11.13 1.94 -16.30
N VAL A 78 10.10 1.24 -16.72
CA VAL A 78 9.22 0.50 -15.84
C VAL A 78 9.17 -0.93 -16.34
N ALA A 79 9.31 -1.89 -15.43
CA ALA A 79 9.47 -3.29 -15.80
C ALA A 79 8.26 -3.81 -16.56
N HIS A 80 8.53 -4.48 -17.69
CA HIS A 80 7.47 -4.99 -18.56
C HIS A 80 6.67 -6.12 -17.92
N TRP A 81 7.27 -6.86 -16.98
CA TRP A 81 6.54 -7.97 -16.38
C TRP A 81 5.52 -7.52 -15.34
N LEU A 82 5.41 -6.21 -15.07
CA LEU A 82 4.40 -5.71 -14.15
C LEU A 82 3.05 -5.56 -14.83
N MET A 83 1.98 -5.86 -14.08
N MET A 83 1.98 -5.85 -14.08
CA MET A 83 0.64 -5.59 -14.56
CA MET A 83 0.65 -5.59 -14.59
C MET A 83 0.36 -4.10 -14.52
C MET A 83 0.36 -4.09 -14.53
N PRO A 84 -0.68 -3.64 -15.22
CA PRO A 84 -0.96 -2.19 -15.27
C PRO A 84 -1.00 -1.51 -13.92
N GLY A 85 -1.57 -2.17 -12.90
CA GLY A 85 -1.64 -1.55 -11.60
C GLY A 85 -0.27 -1.30 -10.99
N GLN A 86 0.64 -2.27 -11.14
CA GLN A 86 2.00 -2.07 -10.62
C GLN A 86 2.81 -1.12 -11.49
N ARG A 87 2.60 -1.14 -12.81
CA ARG A 87 3.20 -0.09 -13.64
C ARG A 87 2.80 1.29 -13.12
N ALA A 88 1.49 1.49 -12.90
CA ALA A 88 1.03 2.76 -12.36
C ALA A 88 1.69 3.07 -11.01
N PHE A 89 1.78 2.05 -10.15
CA PHE A 89 2.38 2.25 -8.83
C PHE A 89 3.82 2.75 -8.95
N GLN A 90 4.59 2.15 -9.85
CA GLN A 90 5.98 2.60 -10.04
C GLN A 90 6.04 4.03 -10.55
N ILE A 91 5.19 4.38 -11.51
CA ILE A 91 5.22 5.73 -12.09
C ILE A 91 4.83 6.74 -11.04
N ALA A 92 3.80 6.44 -10.24
CA ALA A 92 3.37 7.39 -9.23
C ALA A 92 4.40 7.51 -8.11
N THR A 93 5.14 6.43 -7.83
CA THR A 93 6.23 6.52 -6.87
C THR A 93 7.29 7.49 -7.36
N GLN A 94 7.67 7.39 -8.64
CA GLN A 94 8.64 8.34 -9.20
C GLN A 94 8.07 9.76 -9.25
N LEU A 95 6.77 9.89 -9.51
CA LEU A 95 6.14 11.20 -9.50
C LEU A 95 6.30 11.87 -8.14
N ALA A 96 6.15 11.10 -7.08
CA ALA A 96 6.38 11.65 -5.73
C ALA A 96 7.83 12.07 -5.55
N LEU A 97 8.76 11.20 -5.96
CA LEU A 97 10.18 11.51 -5.79
C LEU A 97 10.58 12.78 -6.53
N VAL A 98 9.98 13.06 -7.69
CA VAL A 98 10.41 14.20 -8.50
C VAL A 98 9.54 15.43 -8.31
N GLY A 99 8.25 15.24 -8.02
CA GLY A 99 7.32 16.35 -7.96
C GLY A 99 6.80 16.68 -6.59
N GLN A 100 7.04 15.80 -5.61
CA GLN A 100 6.67 16.06 -4.23
C GLN A 100 7.89 15.98 -3.31
N SER A 101 9.08 16.19 -3.87
CA SER A 101 10.32 16.02 -3.10
C SER A 101 10.40 16.98 -1.92
N ASP A 102 10.07 18.26 -2.14
CA ASP A 102 10.12 19.24 -1.06
C ASP A 102 9.10 18.92 0.02
N LEU A 103 7.89 18.52 -0.39
CA LEU A 103 6.86 18.15 0.57
C LEU A 103 7.30 16.94 1.39
N ILE A 104 7.81 15.90 0.72
CA ILE A 104 8.30 14.73 1.44
C ILE A 104 9.39 15.13 2.44
N SER A 105 10.35 15.95 1.99
CA SER A 105 11.40 16.40 2.89
C SER A 105 10.84 17.13 4.10
N SER A 106 9.81 17.96 3.90
CA SER A 106 9.25 18.69 5.03
C SER A 106 8.51 17.77 5.99
N ILE A 107 7.88 16.71 5.48
CA ILE A 107 7.21 15.75 6.35
C ILE A 107 8.22 14.96 7.17
N VAL A 108 9.27 14.45 6.51
CA VAL A 108 10.32 13.72 7.22
C VAL A 108 10.92 14.58 8.32
N ALA A 109 11.07 15.88 8.05
CA ALA A 109 11.73 16.76 8.99
C ALA A 109 10.94 16.97 10.27
N THR A 110 9.65 16.64 10.28
CA THR A 110 8.88 16.79 11.51
C THR A 110 9.26 15.78 12.58
N ASP A 111 10.03 14.75 12.26
CA ASP A 111 10.51 13.78 13.26
C ASP A 111 11.98 14.12 13.55
N ASP A 112 12.23 14.86 14.64
CA ASP A 112 13.57 15.39 14.90
C ASP A 112 14.61 14.31 15.14
N GLN A 113 14.19 13.09 15.54
CA GLN A 113 15.10 12.04 16.00
C GLN A 113 15.62 11.13 14.89
N LEU A 114 15.00 11.14 13.71
CA LEU A 114 15.34 10.17 12.66
C LEU A 114 16.82 10.21 12.31
N SER A 115 17.45 9.03 12.24
CA SER A 115 18.81 8.93 11.72
C SER A 115 18.82 9.17 10.20
N THR A 116 20.02 9.35 9.63
CA THR A 116 20.10 9.51 8.17
C THR A 116 19.54 8.30 7.46
N GLU A 117 19.92 7.10 7.89
CA GLU A 117 19.40 5.91 7.23
C GLU A 117 17.88 5.87 7.32
N ALA A 118 17.33 6.25 8.48
CA ALA A 118 15.87 6.24 8.63
C ALA A 118 15.22 7.29 7.75
N ARG A 119 15.87 8.46 7.59
CA ARG A 119 15.30 9.47 6.69
CA ARG A 119 15.31 9.47 6.69
C ARG A 119 15.22 8.96 5.26
N GLY A 120 16.22 8.20 4.82
CA GLY A 120 16.17 7.63 3.47
C GLY A 120 15.10 6.57 3.33
N VAL A 121 14.94 5.73 4.36
CA VAL A 121 13.84 4.76 4.34
C VAL A 121 12.51 5.49 4.36
N ALA A 122 12.38 6.54 5.18
CA ALA A 122 11.12 7.28 5.24
C ALA A 122 10.78 7.94 3.91
N ARG A 123 11.77 8.50 3.22
N ARG A 123 11.77 8.49 3.23
N ARG A 123 11.76 8.51 3.22
CA ARG A 123 11.50 9.14 1.94
CA ARG A 123 11.53 9.13 1.93
CA ARG A 123 11.49 9.14 1.93
C ARG A 123 10.89 8.14 0.95
C ARG A 123 10.91 8.15 0.95
C ARG A 123 10.89 8.14 0.95
N ILE A 124 11.47 6.95 0.85
CA ILE A 124 10.94 5.95 -0.07
C ILE A 124 9.56 5.49 0.39
N GLY A 125 9.39 5.28 1.70
CA GLY A 125 8.09 4.91 2.22
C GLY A 125 7.02 5.95 1.94
N LEU A 126 7.38 7.23 2.03
CA LEU A 126 6.40 8.29 1.74
C LEU A 126 6.10 8.38 0.26
N ALA A 127 7.10 8.15 -0.61
CA ALA A 127 6.80 8.10 -2.03
C ALA A 127 5.88 6.91 -2.35
N ASN A 128 6.15 5.75 -1.75
CA ASN A 128 5.24 4.61 -1.90
C ASN A 128 3.86 4.95 -1.36
N TYR A 129 3.80 5.62 -0.20
CA TYR A 129 2.51 6.04 0.34
C TYR A 129 1.75 6.90 -0.66
N PHE A 130 2.43 7.89 -1.23
CA PHE A 130 1.81 8.74 -2.24
C PHE A 130 1.29 7.92 -3.41
N ALA A 131 2.08 6.95 -3.89
CA ALA A 131 1.65 6.14 -5.02
C ALA A 131 0.37 5.38 -4.69
N GLY A 132 0.30 4.80 -3.49
CA GLY A 132 -0.94 4.16 -3.07
C GLY A 132 -2.11 5.12 -3.01
N ALA A 133 -1.87 6.35 -2.55
CA ALA A 133 -2.95 7.33 -2.42
C ALA A 133 -3.33 7.93 -3.76
N PHE A 134 -2.47 7.81 -4.77
CA PHE A 134 -2.82 8.26 -6.11
C PHE A 134 -3.64 7.20 -6.86
N LEU A 135 -3.18 5.95 -6.83
CA LEU A 135 -3.92 4.85 -7.45
C LEU A 135 -5.27 4.63 -6.79
N LEU A 136 -5.36 4.89 -5.48
CA LEU A 136 -6.57 4.65 -4.70
C LEU A 136 -6.94 5.95 -4.02
N PRO A 137 -7.47 6.91 -4.78
CA PRO A 137 -7.75 8.23 -4.22
C PRO A 137 -8.75 8.12 -3.07
N TYR A 138 -8.51 8.91 -2.02
CA TYR A 138 -9.10 8.61 -0.71
C TYR A 138 -10.62 8.49 -0.76
N ARG A 139 -11.32 9.54 -1.18
CA ARG A 139 -12.77 9.54 -1.05
C ARG A 139 -13.39 8.46 -1.94
N GLU A 140 -12.88 8.32 -3.16
CA GLU A 140 -13.39 7.29 -4.06
C GLU A 140 -13.13 5.90 -3.49
N PHE A 141 -11.93 5.66 -2.97
CA PHE A 141 -11.60 4.35 -2.43
C PHE A 141 -12.41 4.06 -1.16
N HIS A 142 -12.54 5.05 -0.28
CA HIS A 142 -13.33 4.89 0.93
C HIS A 142 -14.77 4.55 0.58
N ARG A 143 -15.35 5.31 -0.36
CA ARG A 143 -16.72 5.03 -0.81
CA ARG A 143 -16.72 5.02 -0.79
C ARG A 143 -16.83 3.62 -1.37
N ALA A 144 -15.84 3.19 -2.16
CA ALA A 144 -15.88 1.85 -2.74
C ALA A 144 -15.75 0.78 -1.67
N ALA A 145 -14.89 1.01 -0.68
CA ALA A 145 -14.75 0.03 0.40
C ALA A 145 -16.08 -0.13 1.15
N GLU A 146 -16.77 0.98 1.42
CA GLU A 146 -18.04 0.83 2.12
C GLU A 146 -19.06 0.09 1.26
N GLN A 147 -19.13 0.42 -0.03
CA GLN A 147 -20.17 -0.19 -0.87
C GLN A 147 -19.85 -1.62 -1.25
N LEU A 148 -18.59 -2.03 -1.21
CA LEU A 148 -18.20 -3.41 -1.42
C LEU A 148 -17.97 -4.15 -0.12
N ARG A 149 -18.34 -3.54 1.01
CA ARG A 149 -18.21 -4.17 2.32
C ARG A 149 -16.80 -4.70 2.54
N TYR A 150 -15.82 -3.89 2.13
CA TYR A 150 -14.41 -4.16 2.41
C TYR A 150 -13.93 -5.47 1.79
N ASP A 151 -14.57 -5.89 0.70
CA ASP A 151 -14.10 -7.08 -0.03
C ASP A 151 -12.80 -6.74 -0.74
N ILE A 152 -11.68 -7.26 -0.22
CA ILE A 152 -10.36 -6.90 -0.71
C ILE A 152 -10.19 -7.30 -2.17
N ASP A 153 -10.68 -8.47 -2.54
CA ASP A 153 -10.55 -8.95 -3.92
C ASP A 153 -11.36 -8.09 -4.89
N LEU A 154 -12.62 -7.78 -4.55
CA LEU A 154 -13.40 -6.94 -5.45
C LEU A 154 -12.84 -5.52 -5.54
N LEU A 155 -12.32 -4.98 -4.45
CA LEU A 155 -11.64 -3.69 -4.51
C LEU A 155 -10.43 -3.77 -5.43
N GLY A 156 -9.65 -4.85 -5.34
CA GLY A 156 -8.50 -5.00 -6.22
C GLY A 156 -8.91 -5.05 -7.68
N ARG A 157 -9.93 -5.83 -7.99
CA ARG A 157 -10.40 -5.91 -9.37
CA ARG A 157 -10.40 -5.91 -9.37
C ARG A 157 -10.97 -4.58 -9.83
N ARG A 158 -11.67 -3.87 -8.94
CA ARG A 158 -12.27 -2.60 -9.32
C ARG A 158 -11.21 -1.56 -9.68
N PHE A 159 -10.15 -1.47 -8.86
CA PHE A 159 -9.11 -0.47 -9.09
C PHE A 159 -7.93 -1.02 -9.88
N GLY A 160 -7.89 -2.32 -10.14
CA GLY A 160 -6.81 -2.93 -10.91
C GLY A 160 -5.51 -3.08 -10.17
N VAL A 161 -5.55 -3.33 -8.85
CA VAL A 161 -4.36 -3.42 -8.04
C VAL A 161 -4.36 -4.75 -7.28
N GLY A 162 -3.20 -5.08 -6.71
CA GLY A 162 -3.04 -6.36 -6.03
C GLY A 162 -3.58 -6.35 -4.60
N PHE A 163 -3.69 -7.57 -4.05
CA PHE A 163 -4.28 -7.80 -2.74
C PHE A 163 -3.58 -6.98 -1.64
N GLU A 164 -2.23 -7.03 -1.59
CA GLU A 164 -1.57 -6.31 -0.51
C GLU A 164 -1.65 -4.80 -0.71
N THR A 165 -1.78 -4.34 -1.97
CA THR A 165 -1.95 -2.91 -2.21
C THR A 165 -3.27 -2.42 -1.64
N VAL A 166 -4.34 -3.19 -1.84
CA VAL A 166 -5.64 -2.85 -1.22
C VAL A 166 -5.52 -2.87 0.30
N CYS A 167 -4.94 -3.94 0.85
CA CYS A 167 -4.85 -4.06 2.31
C CYS A 167 -4.09 -2.90 2.91
N HIS A 168 -2.96 -2.55 2.31
CA HIS A 168 -2.20 -1.44 2.86
C HIS A 168 -3.02 -0.15 2.82
N ARG A 169 -3.71 0.10 1.70
CA ARG A 169 -4.51 1.32 1.64
C ARG A 169 -5.63 1.30 2.67
N LEU A 170 -6.29 0.16 2.87
CA LEU A 170 -7.33 0.11 3.89
C LEU A 170 -6.77 0.48 5.26
N SER A 171 -5.53 0.11 5.52
CA SER A 171 -4.91 0.42 6.81
C SER A 171 -4.48 1.88 6.94
N THR A 172 -4.61 2.69 5.90
CA THR A 172 -4.29 4.11 5.97
C THR A 172 -5.51 5.01 6.10
N LEU A 173 -6.73 4.47 6.18
CA LEU A 173 -7.94 5.30 6.11
C LEU A 173 -8.23 5.95 7.46
N GLN A 174 -7.30 6.81 7.89
CA GLN A 174 -7.45 7.57 9.13
C GLN A 174 -7.56 9.08 8.88
N ARG A 175 -8.09 9.48 7.74
CA ARG A 175 -8.28 10.92 7.50
C ARG A 175 -9.32 11.45 8.49
N PRO A 176 -9.01 12.52 9.21
CA PRO A 176 -9.97 13.02 10.21
C PRO A 176 -11.32 13.31 9.57
N ARG A 177 -12.37 12.84 10.22
CA ARG A 177 -13.77 13.01 9.82
CA ARG A 177 -13.75 13.06 9.79
C ARG A 177 -14.15 12.17 8.61
N GLN A 178 -13.23 11.34 8.08
CA GLN A 178 -13.64 10.39 7.04
C GLN A 178 -12.87 9.08 7.22
N ARG A 179 -12.93 8.51 8.41
CA ARG A 179 -12.17 7.30 8.69
C ARG A 179 -12.87 6.06 8.12
N GLY A 180 -12.06 5.10 7.68
CA GLY A 180 -12.52 3.74 7.44
C GLY A 180 -12.43 2.91 8.70
N ILE A 181 -12.76 1.63 8.57
CA ILE A 181 -12.56 0.71 9.71
C ILE A 181 -11.10 0.78 10.15
N PRO A 182 -10.81 0.89 11.44
CA PRO A 182 -9.40 0.87 11.88
C PRO A 182 -8.86 -0.55 11.84
N PHE A 183 -7.81 -0.78 11.04
CA PHE A 183 -7.23 -2.11 10.87
C PHE A 183 -5.83 -2.18 11.46
N ILE A 184 -5.47 -3.38 11.94
CA ILE A 184 -4.07 -3.78 12.09
C ILE A 184 -3.66 -4.46 10.80
N PHE A 185 -2.55 -4.00 10.21
CA PHE A 185 -2.01 -4.61 8.99
C PHE A 185 -0.83 -5.49 9.35
N VAL A 186 -0.84 -6.74 8.88
CA VAL A 186 0.23 -7.69 9.17
C VAL A 186 0.68 -8.32 7.87
N ARG A 187 2.00 -8.30 7.64
CA ARG A 187 2.61 -9.01 6.53
C ARG A 187 3.71 -9.91 7.08
N THR A 188 3.79 -11.13 6.55
CA THR A 188 4.79 -12.08 7.00
C THR A 188 5.25 -12.91 5.81
N ASP A 189 6.50 -13.37 5.88
CA ASP A 189 6.99 -14.36 4.94
C ASP A 189 6.89 -15.75 5.57
N LYS A 190 7.30 -16.77 4.83
CA LYS A 190 7.19 -18.13 5.33
C LYS A 190 8.04 -18.35 6.57
N ALA A 191 9.09 -17.57 6.77
CA ALA A 191 10.01 -17.74 7.88
C ALA A 191 9.64 -16.91 9.10
N GLY A 192 8.44 -16.32 9.15
CA GLY A 192 7.98 -15.61 10.32
C GLY A 192 8.44 -14.17 10.42
N ASN A 193 9.24 -13.68 9.48
CA ASN A 193 9.59 -12.27 9.44
C ASN A 193 8.33 -11.45 9.20
N ILE A 194 7.96 -10.61 10.16
CA ILE A 194 6.62 -10.01 10.22
C ILE A 194 6.74 -8.51 10.35
N SER A 195 5.97 -7.79 9.54
CA SER A 195 5.79 -6.35 9.67
C SER A 195 4.38 -6.08 10.14
N LYS A 196 4.24 -5.39 11.27
CA LYS A 196 2.95 -5.09 11.88
C LYS A 196 2.76 -3.59 11.92
N ARG A 197 1.56 -3.14 11.53
CA ARG A 197 1.23 -1.72 11.54
C ARG A 197 -0.12 -1.54 12.23
N GLN A 198 -0.15 -0.67 13.23
CA GLN A 198 -1.37 -0.41 14.01
C GLN A 198 -1.84 1.02 13.78
N SER A 199 -3.15 1.19 13.65
CA SER A 199 -3.75 2.52 13.59
C SER A 199 -4.23 3.00 14.95
N ALA A 200 -5.06 2.19 15.64
CA ALA A 200 -5.69 2.61 16.87
C ALA A 200 -5.06 2.04 18.13
N THR A 201 -4.34 0.92 18.02
CA THR A 201 -3.84 0.19 19.18
C THR A 201 -2.40 0.61 19.50
N ALA A 202 -1.88 0.06 20.59
CA ALA A 202 -0.52 0.31 21.02
C ALA A 202 0.00 -0.92 21.75
N PHE A 203 0.01 -2.05 21.07
CA PHE A 203 0.41 -3.33 21.68
C PHE A 203 1.92 -3.37 21.92
N CYS A 212 0.61 -11.88 20.53
CA CYS A 212 0.01 -11.70 19.20
C CYS A 212 -0.16 -13.03 18.48
N PRO A 213 -1.41 -13.35 18.11
CA PRO A 213 -1.70 -14.64 17.45
C PRO A 213 -1.34 -14.60 15.97
N LEU A 214 -0.05 -14.79 15.68
CA LEU A 214 0.43 -14.62 14.32
C LEU A 214 -0.20 -15.60 13.34
N TRP A 215 -0.72 -16.73 13.82
CA TRP A 215 -1.42 -17.65 12.94
C TRP A 215 -2.56 -16.97 12.21
N VAL A 216 -3.01 -15.80 12.68
CA VAL A 216 -4.09 -15.10 12.01
C VAL A 216 -3.72 -14.77 10.56
N VAL A 217 -2.43 -14.68 10.25
CA VAL A 217 -1.97 -14.44 8.89
CA VAL A 217 -1.97 -14.44 8.89
C VAL A 217 -1.16 -15.61 8.35
N HIS A 218 -0.27 -16.19 9.17
CA HIS A 218 0.52 -17.31 8.72
C HIS A 218 -0.36 -18.48 8.27
N ASP A 219 -1.54 -18.64 8.87
CA ASP A 219 -2.44 -19.70 8.45
C ASP A 219 -2.74 -19.65 6.95
N ALA A 220 -2.59 -18.47 6.32
CA ALA A 220 -2.86 -18.37 4.89
C ALA A 220 -1.99 -19.32 4.07
N PHE A 221 -0.76 -19.56 4.52
CA PHE A 221 0.14 -20.43 3.75
C PHE A 221 -0.37 -21.87 3.65
N ALA A 222 -1.36 -22.25 4.47
CA ALA A 222 -1.88 -23.61 4.38
C ALA A 222 -2.96 -23.76 3.34
N GLN A 223 -3.54 -22.65 2.88
CA GLN A 223 -4.55 -22.64 1.82
C GLN A 223 -4.18 -21.53 0.83
N PRO A 224 -3.10 -21.72 0.08
CA PRO A 224 -2.58 -20.63 -0.75
C PRO A 224 -3.65 -20.04 -1.66
N GLU A 225 -3.60 -18.71 -1.80
CA GLU A 225 -4.50 -17.93 -2.66
C GLU A 225 -5.97 -18.08 -2.26
N ARG A 226 -6.25 -18.57 -1.06
CA ARG A 226 -7.60 -18.62 -0.52
C ARG A 226 -7.66 -17.75 0.72
N ILE A 227 -8.76 -17.01 0.86
CA ILE A 227 -8.92 -16.16 2.02
C ILE A 227 -9.16 -17.02 3.26
N VAL A 228 -8.45 -16.71 4.33
CA VAL A 228 -8.59 -17.41 5.61
C VAL A 228 -9.09 -16.38 6.61
N ARG A 229 -10.16 -16.71 7.33
CA ARG A 229 -10.80 -15.80 8.27
C ARG A 229 -10.84 -16.42 9.65
N GLN A 230 -10.58 -15.62 10.68
CA GLN A 230 -10.71 -16.16 12.02
C GLN A 230 -10.87 -15.02 13.02
N VAL A 231 -11.30 -15.40 14.21
CA VAL A 231 -11.47 -14.47 15.32
C VAL A 231 -10.46 -14.84 16.39
N ALA A 232 -9.67 -13.87 16.81
CA ALA A 232 -8.61 -14.08 17.78
C ALA A 232 -8.57 -12.91 18.75
N GLN A 233 -8.29 -13.21 20.01
CA GLN A 233 -8.13 -12.19 21.02
C GLN A 233 -6.73 -11.61 20.95
N MET A 234 -6.62 -10.30 21.15
CA MET A 234 -5.35 -9.60 21.20
C MET A 234 -5.00 -9.20 22.63
N PRO A 235 -3.79 -8.66 22.84
CA PRO A 235 -3.33 -8.46 24.22
C PRO A 235 -4.17 -7.49 25.03
N ASP A 236 -5.09 -6.74 24.41
CA ASP A 236 -5.95 -5.84 25.15
C ASP A 236 -7.19 -6.55 25.71
N GLY A 237 -7.37 -7.83 25.44
CA GLY A 237 -8.55 -8.54 25.87
C GLY A 237 -9.73 -8.43 24.93
N ARG A 238 -9.60 -7.71 23.82
CA ARG A 238 -10.68 -7.63 22.85
C ARG A 238 -10.44 -8.62 21.73
N SER A 239 -11.52 -9.05 21.09
CA SER A 239 -11.45 -9.97 19.97
C SER A 239 -11.33 -9.19 18.67
N TYR A 240 -10.51 -9.73 17.77
CA TYR A 240 -10.29 -9.13 16.45
C TYR A 240 -10.71 -10.12 15.38
N PHE A 241 -11.34 -9.61 14.33
CA PHE A 241 -11.69 -10.40 13.16
C PHE A 241 -10.57 -10.22 12.13
N TRP A 242 -10.02 -11.35 11.68
CA TRP A 242 -8.83 -11.35 10.84
C TRP A 242 -9.16 -11.95 9.47
N VAL A 243 -8.66 -11.31 8.42
CA VAL A 243 -8.77 -11.84 7.06
C VAL A 243 -7.37 -11.80 6.45
N ALA A 244 -6.95 -12.91 5.85
CA ALA A 244 -5.58 -13.04 5.35
C ALA A 244 -5.57 -13.83 4.06
N LYS A 245 -4.54 -13.58 3.24
CA LYS A 245 -4.32 -14.37 2.05
C LYS A 245 -2.85 -14.29 1.67
N THR A 246 -2.35 -15.35 1.03
CA THR A 246 -1.04 -15.26 0.41
C THR A 246 -1.12 -14.34 -0.80
N THR A 247 0.02 -13.76 -1.14
CA THR A 247 0.15 -12.93 -2.33
C THR A 247 0.82 -13.75 -3.41
N ALA A 248 0.25 -13.74 -4.61
CA ALA A 248 0.88 -14.43 -5.73
C ALA A 248 2.15 -13.70 -6.14
N ALA A 249 3.23 -14.46 -6.37
CA ALA A 249 4.50 -13.92 -6.83
C ALA A 249 4.39 -13.70 -8.34
N ASP A 250 4.00 -12.49 -8.72
CA ASP A 250 3.68 -12.18 -10.11
C ASP A 250 3.88 -10.69 -10.38
N GLY A 251 3.09 -10.13 -11.30
CA GLY A 251 3.23 -8.75 -11.69
C GLY A 251 2.31 -7.75 -10.99
N LEU A 252 1.57 -8.17 -9.96
CA LEU A 252 0.66 -7.28 -9.28
C LEU A 252 0.99 -7.24 -7.79
N GLY A 253 0.62 -6.13 -7.15
CA GLY A 253 0.95 -5.93 -5.75
C GLY A 253 2.36 -5.38 -5.57
N TYR A 254 2.58 -4.61 -4.51
CA TYR A 254 3.89 -3.96 -4.33
C TYR A 254 4.93 -4.90 -3.75
N LEU A 255 4.55 -6.05 -3.20
CA LEU A 255 5.53 -6.96 -2.62
C LEU A 255 6.31 -7.66 -3.73
N GLY A 256 7.64 -7.70 -3.59
CA GLY A 256 8.49 -8.27 -4.59
C GLY A 256 8.14 -9.72 -4.88
N PRO A 257 8.26 -10.12 -6.14
CA PRO A 257 8.02 -11.52 -6.52
C PRO A 257 9.14 -12.47 -6.13
N HIS A 258 10.14 -12.01 -5.40
CA HIS A 258 11.28 -12.85 -5.05
C HIS A 258 10.92 -13.94 -4.04
N LYS A 259 9.83 -13.79 -3.30
CA LYS A 259 9.41 -14.83 -2.37
C LYS A 259 7.94 -14.63 -2.05
N ASN A 260 7.37 -15.60 -1.33
CA ASN A 260 5.94 -15.62 -1.06
C ASN A 260 5.63 -14.98 0.29
N PHE A 261 4.60 -14.15 0.31
CA PHE A 261 4.17 -13.47 1.52
C PHE A 261 2.72 -13.82 1.81
N ALA A 262 2.36 -13.67 3.08
CA ALA A 262 0.96 -13.64 3.51
C ALA A 262 0.70 -12.26 4.10
N VAL A 263 -0.49 -11.74 3.81
N VAL A 263 -0.47 -11.71 3.79
CA VAL A 263 -0.87 -10.40 4.28
CA VAL A 263 -0.87 -10.40 4.28
C VAL A 263 -2.26 -10.50 4.89
C VAL A 263 -2.25 -10.53 4.90
N GLY A 264 -2.49 -9.76 5.96
CA GLY A 264 -3.77 -9.82 6.64
C GLY A 264 -4.15 -8.50 7.25
N LEU A 265 -5.44 -8.37 7.51
CA LEU A 265 -6.03 -7.24 8.22
C LEU A 265 -6.82 -7.78 9.39
N GLY A 266 -6.71 -7.10 10.52
CA GLY A 266 -7.54 -7.41 11.68
C GLY A 266 -8.22 -6.15 12.18
N CYS A 267 -9.51 -6.28 12.50
CA CYS A 267 -10.25 -5.15 13.08
C CYS A 267 -10.98 -5.63 14.32
N ASP A 268 -11.29 -4.68 15.19
CA ASP A 268 -12.04 -5.01 16.40
C ASP A 268 -13.31 -5.75 16.00
N LEU A 269 -13.64 -6.78 16.77
CA LEU A 269 -14.85 -7.51 16.46
C LEU A 269 -16.04 -6.57 16.37
N ALA A 270 -16.03 -5.45 17.10
CA ALA A 270 -17.13 -4.48 17.09
C ALA A 270 -17.25 -3.71 15.77
N HIS A 271 -16.25 -3.77 14.88
CA HIS A 271 -16.38 -3.20 13.55
C HIS A 271 -16.70 -4.22 12.48
N ALA A 272 -16.65 -5.52 12.82
CA ALA A 272 -16.64 -6.55 11.79
C ALA A 272 -17.97 -6.67 11.06
N HIS A 273 -19.05 -6.05 11.54
CA HIS A 273 -20.31 -6.23 10.82
C HIS A 273 -20.27 -5.55 9.45
N LYS A 274 -19.39 -4.58 9.24
CA LYS A 274 -19.26 -3.92 7.95
C LYS A 274 -18.43 -4.72 6.96
N LEU A 275 -17.82 -5.83 7.38
CA LEU A 275 -17.02 -6.68 6.50
C LEU A 275 -17.90 -7.73 5.84
N VAL A 276 -17.76 -7.90 4.52
CA VAL A 276 -18.46 -9.01 3.90
C VAL A 276 -18.03 -10.33 4.53
N TYR A 277 -16.80 -10.37 5.07
CA TYR A 277 -16.22 -11.60 5.59
C TYR A 277 -16.91 -12.13 6.85
N SER A 278 -17.74 -11.32 7.52
CA SER A 278 -18.23 -11.69 8.85
C SER A 278 -19.46 -12.60 8.83
N THR A 279 -19.81 -13.24 7.73
CA THR A 279 -20.84 -14.27 7.79
C THR A 279 -20.18 -15.64 7.63
N GLY A 280 -20.56 -16.59 8.48
CA GLY A 280 -19.97 -17.90 8.37
C GLY A 280 -20.09 -18.71 9.65
N VAL A 281 -19.56 -19.93 9.56
CA VAL A 281 -19.64 -20.90 10.65
C VAL A 281 -18.24 -21.05 11.25
N VAL A 282 -18.20 -21.20 12.57
CA VAL A 282 -16.96 -21.26 13.32
C VAL A 282 -16.59 -22.72 13.58
N LEU A 283 -15.31 -22.96 13.84
CA LEU A 283 -14.84 -24.24 14.36
C LEU A 283 -13.44 -24.05 14.93
N ASP A 284 -12.96 -25.08 15.62
CA ASP A 284 -11.65 -24.99 16.29
C ASP A 284 -10.49 -24.96 15.29
#